data_7Y4H
#
_entry.id   7Y4H
#
_cell.length_a   65.588
_cell.length_b   66.605
_cell.length_c   153.585
_cell.angle_alpha   90.000
_cell.angle_beta   90.000
_cell.angle_gamma   90.000
#
_symmetry.space_group_name_H-M   'C 2 2 21'
#
loop_
_entity.id
_entity.type
_entity.pdbx_description
1 polymer AcvX
2 water water
#
_entity_poly.entity_id   1
_entity_poly.type   'polypeptide(L)'
_entity_poly.pdbx_seq_one_letter_code
;MRAKGISYDTGFVKNGATSRKRFDPDVVERELRIIRDDLHCTAVRVMGGDPERIEVAAAHAADLGLEVWFSPYPLELTAE
EMLSLFADCAERAERLRRRGAEVVFVVGAELSLMNPGFLPGDSTDERVALLRRPDRVREQLGEVSARVNAFLGKAVQLVR
ERFDGKVTYASVPFERVDWAPFDIVSMDLYRSAEIADRFTDGVRDLVAQGKPVAITEFGAAGYQGAGDRGALALEIVEYG
KDGPVRLKGDHARDEPGQAAYVRELLEAFDAGGVDGAFVFTFALYDHVHRPDGDPRDDLDLASYGIVKVYEDRLGATYPD
MPWEPKAAFTTLAEYYRG
;
_entity_poly.pdbx_strand_id   A
#
# COMPACT_ATOMS: atom_id res chain seq x y z
N MET A 1 6.63 -17.67 -3.91
CA MET A 1 5.50 -16.73 -3.86
C MET A 1 4.74 -16.66 -5.16
N ARG A 2 3.43 -16.88 -5.05
CA ARG A 2 2.58 -16.90 -6.21
C ARG A 2 2.31 -15.48 -6.72
N ALA A 3 2.06 -14.54 -5.82
CA ALA A 3 1.73 -13.15 -6.19
C ALA A 3 2.95 -12.30 -5.84
N LYS A 4 3.75 -11.97 -6.85
CA LYS A 4 4.92 -11.11 -6.67
C LYS A 4 4.44 -9.70 -6.94
N GLY A 5 4.19 -8.95 -5.88
CA GLY A 5 3.42 -7.73 -6.03
C GLY A 5 4.11 -6.45 -5.58
N ILE A 6 3.48 -5.35 -5.99
CA ILE A 6 3.80 -4.00 -5.49
C ILE A 6 2.47 -3.28 -5.41
N SER A 7 2.39 -2.32 -4.51
CA SER A 7 1.22 -1.46 -4.52
C SER A 7 1.47 -0.19 -5.35
N TYR A 8 0.37 0.40 -5.78
CA TYR A 8 0.36 1.46 -6.78
C TYR A 8 -0.65 2.52 -6.37
N ASP A 9 -0.15 3.71 -6.03
CA ASP A 9 -1.01 4.76 -5.52
C ASP A 9 -1.66 5.50 -6.68
N THR A 10 -2.98 5.32 -6.85
CA THR A 10 -3.70 6.14 -7.84
C THR A 10 -4.17 7.46 -7.25
N GLY A 11 -4.04 7.64 -5.94
CA GLY A 11 -4.40 8.88 -5.30
C GLY A 11 -5.25 8.57 -4.07
N PHE A 12 -4.60 8.45 -2.92
CA PHE A 12 -5.32 8.52 -1.67
C PHE A 12 -6.09 9.84 -1.63
N VAL A 13 -7.21 9.85 -0.91
CA VAL A 13 -7.95 11.09 -0.67
C VAL A 13 -8.19 11.26 0.82
N LYS A 14 -7.72 12.36 1.38
CA LYS A 14 -7.85 12.66 2.82
C LYS A 14 -8.38 14.08 2.94
N ASN A 15 -9.57 14.23 3.55
CA ASN A 15 -10.28 15.52 3.58
C ASN A 15 -10.31 16.19 2.19
N GLY A 16 -10.60 15.41 1.16
CA GLY A 16 -10.64 15.94 -0.21
C GLY A 16 -9.30 16.17 -0.87
N ALA A 17 -8.18 15.95 -0.18
CA ALA A 17 -6.86 16.15 -0.75
C ALA A 17 -6.37 14.86 -1.36
N THR A 18 -6.01 14.88 -2.65
CA THR A 18 -5.37 13.74 -3.29
C THR A 18 -3.86 13.69 -3.06
N SER A 19 -3.35 12.46 -2.95
CA SER A 19 -1.89 12.26 -2.87
C SER A 19 -1.23 12.28 -4.23
N ARG A 20 -2.02 12.37 -5.30
CA ARG A 20 -1.46 12.26 -6.65
C ARG A 20 -2.14 13.34 -7.50
N LYS A 21 -1.48 14.51 -7.56
CA LYS A 21 -2.06 15.69 -8.22
C LYS A 21 -2.25 15.45 -9.72
N ARG A 22 -1.42 14.62 -10.33
CA ARG A 22 -1.55 14.27 -11.75
C ARG A 22 -1.81 12.78 -11.90
N PHE A 23 -2.89 12.45 -12.60
CA PHE A 23 -3.24 11.07 -12.92
C PHE A 23 -3.44 11.05 -14.43
N ASP A 24 -2.35 10.83 -15.16
CA ASP A 24 -2.40 10.78 -16.61
C ASP A 24 -2.47 9.33 -17.07
N PRO A 25 -3.57 8.86 -17.69
CA PRO A 25 -3.68 7.41 -17.99
C PRO A 25 -2.61 6.88 -18.91
N ASP A 26 -2.07 7.71 -19.81
CA ASP A 26 -0.94 7.28 -20.62
C ASP A 26 0.29 7.02 -19.77
N VAL A 27 0.53 7.87 -18.78
CA VAL A 27 1.64 7.62 -17.87
C VAL A 27 1.34 6.38 -17.03
N VAL A 28 0.09 6.23 -16.59
CA VAL A 28 -0.27 5.11 -15.72
C VAL A 28 -0.02 3.80 -16.44
N GLU A 29 -0.47 3.72 -17.70
CA GLU A 29 -0.27 2.53 -18.50
C GLU A 29 1.21 2.19 -18.62
N ARG A 30 2.07 3.19 -18.84
CA ARG A 30 3.48 2.87 -19.01
C ARG A 30 4.14 2.48 -17.69
N GLU A 31 3.75 3.12 -16.58
CA GLU A 31 4.26 2.71 -15.28
C GLU A 31 3.89 1.25 -14.96
N LEU A 32 2.64 0.87 -15.20
CA LEU A 32 2.23 -0.51 -14.97
C LEU A 32 2.99 -1.48 -15.87
N ARG A 33 3.27 -1.08 -17.11
CA ARG A 33 4.06 -1.93 -18.02
C ARG A 33 5.47 -2.15 -17.48
N ILE A 34 6.09 -1.09 -16.95
CA ILE A 34 7.40 -1.20 -16.31
C ILE A 34 7.33 -2.09 -15.08
N ILE A 35 6.24 -1.96 -14.33
CA ILE A 35 6.07 -2.82 -13.17
C ILE A 35 6.05 -4.29 -13.57
N ARG A 36 5.34 -4.63 -14.67
CA ARG A 36 5.32 -6.01 -15.15
C ARG A 36 6.67 -6.42 -15.74
N ASP A 37 7.21 -5.61 -16.66
CA ASP A 37 8.34 -6.03 -17.52
C ASP A 37 9.69 -5.92 -16.83
N ASP A 38 9.89 -4.87 -16.02
CA ASP A 38 11.16 -4.52 -15.42
C ASP A 38 11.22 -4.77 -13.92
N LEU A 39 10.09 -4.67 -13.19
CA LEU A 39 10.10 -5.15 -11.81
C LEU A 39 9.68 -6.62 -11.69
N HIS A 40 9.18 -7.22 -12.76
CA HIS A 40 8.79 -8.63 -12.82
C HIS A 40 7.66 -8.95 -11.83
N CYS A 41 6.83 -7.95 -11.54
CA CYS A 41 5.64 -8.21 -10.74
C CYS A 41 4.62 -9.04 -11.52
N THR A 42 3.93 -9.92 -10.79
CA THR A 42 2.80 -10.63 -11.34
C THR A 42 1.48 -10.05 -10.88
N ALA A 43 1.50 -9.21 -9.85
CA ALA A 43 0.24 -8.67 -9.32
C ALA A 43 0.49 -7.25 -8.89
N VAL A 44 -0.57 -6.46 -8.87
CA VAL A 44 -0.45 -5.08 -8.41
C VAL A 44 -1.65 -4.76 -7.53
N ARG A 45 -1.37 -4.11 -6.41
CA ARG A 45 -2.40 -3.66 -5.49
C ARG A 45 -2.69 -2.21 -5.85
N VAL A 46 -3.85 -1.98 -6.48
CA VAL A 46 -4.22 -0.67 -7.00
C VAL A 46 -5.00 0.06 -5.91
N MET A 47 -4.34 1.00 -5.24
CA MET A 47 -4.91 1.74 -4.12
C MET A 47 -5.44 3.11 -4.52
N GLY A 48 -6.39 3.59 -3.73
CA GLY A 48 -6.73 5.00 -3.76
C GLY A 48 -8.03 5.28 -3.04
N GLY A 49 -8.42 6.54 -3.13
CA GLY A 49 -9.69 6.99 -2.62
C GLY A 49 -10.71 7.37 -3.68
N ASP A 50 -10.34 7.27 -4.97
CA ASP A 50 -11.18 7.70 -6.09
C ASP A 50 -11.51 6.47 -6.93
N PRO A 51 -12.73 5.93 -6.86
CA PRO A 51 -13.03 4.70 -7.60
C PRO A 51 -12.77 4.78 -9.10
N GLU A 52 -12.95 5.95 -9.72
CA GLU A 52 -12.68 6.02 -11.15
C GLU A 52 -11.20 5.87 -11.45
N ARG A 53 -10.35 6.52 -10.65
CA ARG A 53 -8.91 6.37 -10.83
C ARG A 53 -8.50 4.94 -10.59
N ILE A 54 -8.99 4.32 -9.50
CA ILE A 54 -8.62 2.93 -9.26
C ILE A 54 -9.01 2.09 -10.47
N GLU A 55 -10.21 2.32 -11.01
CA GLU A 55 -10.69 1.50 -12.12
C GLU A 55 -9.82 1.67 -13.37
N VAL A 56 -9.40 2.92 -13.66
CA VAL A 56 -8.59 3.16 -14.85
C VAL A 56 -7.25 2.42 -14.74
N ALA A 57 -6.59 2.55 -13.57
CA ALA A 57 -5.35 1.81 -13.35
C ALA A 57 -5.56 0.30 -13.38
N ALA A 58 -6.67 -0.18 -12.78
CA ALA A 58 -6.88 -1.63 -12.73
C ALA A 58 -7.15 -2.18 -14.12
N ALA A 59 -7.84 -1.41 -14.97
CA ALA A 59 -8.12 -1.90 -16.33
C ALA A 59 -6.84 -1.98 -17.14
N HIS A 60 -5.96 -0.97 -17.02
CA HIS A 60 -4.65 -1.05 -17.66
C HIS A 60 -3.86 -2.24 -17.16
N ALA A 61 -3.82 -2.44 -15.83
CA ALA A 61 -3.10 -3.58 -15.29
C ALA A 61 -3.65 -4.90 -15.83
N ALA A 62 -4.98 -5.06 -15.84
CA ALA A 62 -5.53 -6.32 -16.36
C ALA A 62 -5.21 -6.48 -17.85
N ASP A 63 -5.30 -5.40 -18.61
CA ASP A 63 -4.97 -5.46 -20.03
C ASP A 63 -3.53 -5.92 -20.22
N LEU A 64 -2.65 -5.63 -19.25
CA LEU A 64 -1.28 -6.07 -19.26
C LEU A 64 -1.12 -7.50 -18.73
N GLY A 65 -2.18 -8.14 -18.24
CA GLY A 65 -2.08 -9.48 -17.70
C GLY A 65 -1.72 -9.56 -16.23
N LEU A 66 -1.65 -8.43 -15.53
CA LEU A 66 -1.32 -8.44 -14.12
C LEU A 66 -2.55 -8.86 -13.32
N GLU A 67 -2.34 -9.65 -12.27
CA GLU A 67 -3.38 -9.90 -11.28
C GLU A 67 -3.68 -8.60 -10.55
N VAL A 68 -4.97 -8.24 -10.40
CA VAL A 68 -5.35 -6.91 -9.89
C VAL A 68 -5.89 -7.04 -8.48
N TRP A 69 -5.26 -6.41 -7.52
CA TRP A 69 -5.83 -6.32 -6.16
C TRP A 69 -6.47 -4.94 -6.08
N PHE A 70 -7.78 -4.92 -6.26
CA PHE A 70 -8.61 -3.70 -6.37
C PHE A 70 -8.83 -3.18 -4.96
N SER A 71 -8.24 -2.03 -4.60
CA SER A 71 -7.90 -1.79 -3.19
C SER A 71 -8.27 -0.37 -2.73
N PRO A 72 -9.58 -0.05 -2.65
CA PRO A 72 -9.99 1.21 -1.99
C PRO A 72 -9.35 1.29 -0.62
N TYR A 73 -8.83 2.48 -0.30
CA TYR A 73 -8.01 2.68 0.88
C TYR A 73 -8.52 3.96 1.56
N PRO A 74 -9.73 3.90 2.13
CA PRO A 74 -10.33 5.12 2.70
C PRO A 74 -9.46 5.66 3.81
N LEU A 75 -9.47 7.01 3.89
CA LEU A 75 -8.75 7.78 4.89
C LEU A 75 -9.74 8.80 5.45
N GLU A 76 -9.89 8.82 6.77
CA GLU A 76 -10.73 9.77 7.51
C GLU A 76 -12.17 9.80 7.02
N LEU A 77 -12.70 8.63 6.63
CA LEU A 77 -14.09 8.54 6.18
C LEU A 77 -14.97 7.95 7.29
N THR A 78 -16.23 8.43 7.34
CA THR A 78 -17.20 7.79 8.22
C THR A 78 -17.57 6.41 7.68
N ALA A 79 -18.26 5.62 8.51
CA ALA A 79 -18.75 4.34 8.07
C ALA A 79 -19.60 4.46 6.80
N GLU A 80 -20.53 5.43 6.77
CA GLU A 80 -21.40 5.60 5.60
C GLU A 80 -20.55 5.89 4.35
N GLU A 81 -19.56 6.79 4.48
CA GLU A 81 -18.68 7.12 3.36
C GLU A 81 -17.86 5.91 2.89
N MET A 82 -17.30 5.14 3.84
CA MET A 82 -16.58 3.92 3.48
C MET A 82 -17.46 2.94 2.72
N LEU A 83 -18.66 2.67 3.24
CA LEU A 83 -19.54 1.71 2.60
C LEU A 83 -19.87 2.16 1.19
N SER A 84 -20.14 3.45 1.03
CA SER A 84 -20.44 3.99 -0.28
C SER A 84 -19.26 3.83 -1.23
N LEU A 85 -18.03 4.10 -0.74
CA LEU A 85 -16.83 3.89 -1.55
C LEU A 85 -16.71 2.43 -1.95
N PHE A 86 -16.92 1.52 -0.99
CA PHE A 86 -16.76 0.10 -1.30
C PHE A 86 -17.77 -0.35 -2.34
N ALA A 87 -19.02 0.16 -2.23
CA ALA A 87 -20.08 -0.28 -3.14
C ALA A 87 -19.75 0.11 -4.58
N ASP A 88 -19.36 1.37 -4.76
CA ASP A 88 -18.91 1.87 -6.04
C ASP A 88 -17.72 1.05 -6.55
N CYS A 89 -16.69 0.87 -5.72
CA CYS A 89 -15.53 0.09 -6.17
C CYS A 89 -15.90 -1.35 -6.54
N ALA A 90 -16.78 -1.99 -5.73
CA ALA A 90 -17.08 -3.39 -5.98
C ALA A 90 -17.79 -3.56 -7.31
N GLU A 91 -18.66 -2.62 -7.66
CA GLU A 91 -19.32 -2.68 -8.97
C GLU A 91 -18.30 -2.59 -10.11
N ARG A 92 -17.34 -1.66 -10.02
CA ARG A 92 -16.33 -1.56 -11.06
C ARG A 92 -15.42 -2.78 -11.08
N ALA A 93 -15.03 -3.29 -9.90
CA ALA A 93 -14.21 -4.49 -9.85
C ALA A 93 -14.90 -5.66 -10.54
N GLU A 94 -16.22 -5.78 -10.32
CA GLU A 94 -16.97 -6.87 -10.93
C GLU A 94 -17.00 -6.76 -12.46
N ARG A 95 -17.18 -5.54 -12.99
CA ARG A 95 -17.14 -5.35 -14.44
C ARG A 95 -15.83 -5.84 -15.02
N LEU A 96 -14.71 -5.55 -14.33
CA LEU A 96 -13.40 -5.99 -14.79
C LEU A 96 -13.24 -7.48 -14.67
N ARG A 97 -13.66 -8.06 -13.54
CA ARG A 97 -13.57 -9.51 -13.34
C ARG A 97 -14.34 -10.26 -14.42
N ARG A 98 -15.52 -9.74 -14.77
CA ARG A 98 -16.34 -10.36 -15.81
C ARG A 98 -15.67 -10.35 -17.17
N ARG A 99 -14.91 -9.31 -17.49
CA ARG A 99 -14.18 -9.35 -18.75
C ARG A 99 -13.07 -10.39 -18.77
N GLY A 100 -12.81 -11.09 -17.66
CA GLY A 100 -11.74 -12.06 -17.61
C GLY A 100 -10.49 -11.62 -16.87
N ALA A 101 -10.51 -10.49 -16.17
CA ALA A 101 -9.38 -10.11 -15.30
C ALA A 101 -9.40 -10.93 -14.03
N GLU A 102 -8.20 -11.27 -13.52
CA GLU A 102 -8.09 -11.90 -12.20
C GLU A 102 -8.08 -10.79 -11.16
N VAL A 103 -9.15 -10.70 -10.37
CA VAL A 103 -9.35 -9.56 -9.48
C VAL A 103 -9.57 -10.07 -8.05
N VAL A 104 -8.78 -9.55 -7.12
CA VAL A 104 -9.02 -9.72 -5.69
C VAL A 104 -9.50 -8.39 -5.16
N PHE A 105 -10.58 -8.35 -4.40
CA PHE A 105 -11.08 -7.12 -3.82
C PHE A 105 -10.57 -6.99 -2.38
N VAL A 106 -10.00 -5.82 -2.06
CA VAL A 106 -9.46 -5.51 -0.71
C VAL A 106 -10.39 -4.49 -0.05
N VAL A 107 -11.09 -4.88 1.01
CA VAL A 107 -12.13 -4.05 1.63
C VAL A 107 -11.47 -3.06 2.58
N GLY A 108 -10.74 -2.08 2.05
CA GLY A 108 -10.09 -1.11 2.94
C GLY A 108 -8.78 -1.60 3.54
N ALA A 109 -8.24 -0.78 4.46
CA ALA A 109 -6.90 -1.03 4.97
C ALA A 109 -6.77 -0.40 6.36
N GLU A 110 -6.33 -1.17 7.34
CA GLU A 110 -5.97 -0.65 8.65
C GLU A 110 -7.05 0.32 9.18
N LEU A 111 -8.29 -0.15 9.12
CA LEU A 111 -9.44 0.76 9.28
C LEU A 111 -9.40 1.46 10.62
N SER A 112 -8.97 0.75 11.69
CA SER A 112 -9.03 1.38 13.02
C SER A 112 -8.00 2.51 13.17
N LEU A 113 -6.98 2.52 12.32
CA LEU A 113 -6.04 3.64 12.33
C LEU A 113 -6.36 4.70 11.28
N MET A 114 -6.85 4.29 10.11
CA MET A 114 -7.04 5.19 8.97
C MET A 114 -8.36 5.95 9.02
N ASN A 115 -9.35 5.49 9.79
CA ASN A 115 -10.65 6.14 9.76
C ASN A 115 -11.18 6.23 11.17
N PRO A 116 -12.06 7.21 11.44
CA PRO A 116 -12.56 7.39 12.81
C PRO A 116 -13.54 6.30 13.20
N GLY A 117 -13.74 6.16 14.49
CA GLY A 117 -14.88 5.40 14.99
C GLY A 117 -14.58 4.01 15.52
N PHE A 118 -13.36 3.53 15.41
CA PHE A 118 -12.96 2.24 15.99
C PHE A 118 -12.11 2.39 17.23
N LEU A 119 -11.15 3.31 17.18
CA LEU A 119 -10.20 3.77 18.18
C LEU A 119 -10.45 5.24 18.49
N PRO A 120 -10.29 5.65 19.75
CA PRO A 120 -10.34 7.07 20.07
C PRO A 120 -9.29 7.86 19.29
N GLY A 121 -9.70 9.04 18.80
CA GLY A 121 -8.76 9.89 18.11
C GLY A 121 -9.35 10.56 16.89
N ASP A 122 -8.97 11.82 16.65
CA ASP A 122 -9.48 12.61 15.54
C ASP A 122 -8.58 12.56 14.31
N SER A 123 -7.49 11.82 14.38
CA SER A 123 -6.55 11.73 13.26
C SER A 123 -5.73 10.47 13.45
N THR A 124 -5.06 10.04 12.37
CA THR A 124 -4.25 8.84 12.46
C THR A 124 -3.12 9.00 13.48
N ASP A 125 -2.56 10.22 13.57
CA ASP A 125 -1.55 10.51 14.58
C ASP A 125 -2.09 10.28 15.98
N GLU A 126 -3.27 10.84 16.28
CA GLU A 126 -3.89 10.59 17.57
C GLU A 126 -4.10 9.09 17.79
N ARG A 127 -4.60 8.39 16.77
CA ARG A 127 -4.97 7.00 17.01
C ARG A 127 -3.72 6.13 17.21
N VAL A 128 -2.72 6.29 16.35
CA VAL A 128 -1.44 5.60 16.55
C VAL A 128 -0.85 5.94 17.91
N ALA A 129 -0.83 7.23 18.26
CA ALA A 129 -0.26 7.64 19.54
C ALA A 129 -0.89 6.87 20.69
N LEU A 130 -2.17 6.51 20.55
CA LEU A 130 -2.83 5.68 21.56
C LEU A 130 -2.18 4.31 21.74
N LEU A 131 -1.14 3.97 20.97
CA LEU A 131 -0.40 2.71 21.15
C LEU A 131 0.70 2.92 22.20
N ARG A 132 0.25 3.15 23.42
CA ARG A 132 1.11 3.27 24.59
C ARG A 132 0.77 2.18 25.59
N GLU A 139 -6.16 -2.87 26.42
CA GLU A 139 -7.41 -3.48 26.85
C GLU A 139 -8.60 -2.93 26.07
N GLN A 140 -8.39 -1.79 25.38
CA GLN A 140 -9.31 -1.35 24.32
C GLN A 140 -9.32 -2.29 23.13
N LEU A 141 -8.40 -3.26 23.08
CA LEU A 141 -8.22 -4.04 21.87
C LEU A 141 -9.39 -4.96 21.59
N GLY A 142 -10.03 -5.51 22.63
CA GLY A 142 -11.25 -6.28 22.40
C GLY A 142 -12.35 -5.45 21.77
N GLU A 143 -12.55 -4.22 22.29
CA GLU A 143 -13.57 -3.33 21.75
C GLU A 143 -13.24 -2.93 20.33
N VAL A 144 -11.99 -2.60 20.07
CA VAL A 144 -11.59 -2.22 18.72
C VAL A 144 -11.81 -3.39 17.77
N SER A 145 -11.38 -4.58 18.18
CA SER A 145 -11.58 -5.77 17.34
C SER A 145 -13.07 -6.03 17.10
N ALA A 146 -13.91 -5.90 18.13
CA ALA A 146 -15.35 -6.10 17.93
C ALA A 146 -15.91 -5.13 16.88
N ARG A 147 -15.48 -3.88 16.94
CA ARG A 147 -16.01 -2.88 16.01
C ARG A 147 -15.51 -3.12 14.60
N VAL A 148 -14.21 -3.41 14.47
CA VAL A 148 -13.67 -3.69 13.14
C VAL A 148 -14.39 -4.87 12.54
N ASN A 149 -14.57 -5.93 13.34
CA ASN A 149 -15.17 -7.13 12.78
C ASN A 149 -16.65 -6.90 12.47
N ALA A 150 -17.33 -6.09 13.28
CA ALA A 150 -18.72 -5.79 12.96
C ALA A 150 -18.82 -4.99 11.66
N PHE A 151 -17.96 -4.00 11.50
CA PHE A 151 -17.99 -3.23 10.25
C PHE A 151 -17.61 -4.10 9.06
N LEU A 152 -16.56 -4.93 9.21
CA LEU A 152 -16.14 -5.80 8.11
C LEU A 152 -17.24 -6.78 7.74
N GLY A 153 -17.99 -7.29 8.73
CA GLY A 153 -19.10 -8.18 8.42
C GLY A 153 -20.09 -7.52 7.49
N LYS A 154 -20.45 -6.27 7.77
CA LYS A 154 -21.33 -5.47 6.90
C LYS A 154 -20.68 -5.21 5.54
N ALA A 155 -19.43 -4.75 5.55
CA ALA A 155 -18.78 -4.36 4.30
C ALA A 155 -18.59 -5.54 3.36
N VAL A 156 -18.19 -6.70 3.90
CA VAL A 156 -18.03 -7.90 3.07
C VAL A 156 -19.35 -8.31 2.46
N GLN A 157 -20.44 -8.29 3.24
CA GLN A 157 -21.74 -8.64 2.63
C GLN A 157 -22.09 -7.68 1.49
N LEU A 158 -21.93 -6.37 1.72
CA LEU A 158 -22.15 -5.37 0.68
C LEU A 158 -21.34 -5.69 -0.56
N VAL A 159 -20.06 -6.04 -0.37
CA VAL A 159 -19.17 -6.27 -1.52
C VAL A 159 -19.55 -7.54 -2.25
N ARG A 160 -19.90 -8.60 -1.51
CA ARG A 160 -20.21 -9.87 -2.15
C ARG A 160 -21.52 -9.81 -2.91
N GLU A 161 -22.43 -8.94 -2.52
CA GLU A 161 -23.63 -8.72 -3.34
C GLU A 161 -23.29 -8.15 -4.71
N ARG A 162 -22.14 -7.48 -4.83
CA ARG A 162 -21.77 -6.76 -6.05
C ARG A 162 -20.65 -7.44 -6.83
N PHE A 163 -19.87 -8.28 -6.17
CA PHE A 163 -18.58 -8.76 -6.67
C PHE A 163 -18.44 -10.22 -6.31
N ASP A 164 -18.08 -11.02 -7.31
CA ASP A 164 -18.10 -12.47 -7.18
C ASP A 164 -16.72 -13.09 -7.10
N GLY A 165 -15.66 -12.29 -6.95
CA GLY A 165 -14.33 -12.83 -6.79
C GLY A 165 -13.90 -12.94 -5.34
N LYS A 166 -12.62 -13.19 -5.17
CA LYS A 166 -12.03 -13.34 -3.85
C LYS A 166 -12.01 -11.98 -3.14
N VAL A 167 -12.21 -12.00 -1.83
CA VAL A 167 -12.28 -10.81 -1.00
C VAL A 167 -11.32 -10.96 0.18
N THR A 168 -10.63 -9.86 0.47
CA THR A 168 -9.73 -9.83 1.60
C THR A 168 -9.78 -8.44 2.21
N TYR A 169 -8.86 -8.22 3.15
CA TYR A 169 -8.83 -6.98 3.91
C TYR A 169 -7.40 -6.78 4.42
N ALA A 170 -6.84 -5.59 4.21
CA ALA A 170 -5.45 -5.35 4.63
C ALA A 170 -5.43 -4.97 6.11
N SER A 171 -5.23 -5.97 6.99
CA SER A 171 -5.36 -5.76 8.43
C SER A 171 -4.04 -5.36 9.05
N VAL A 172 -4.11 -4.94 10.31
CA VAL A 172 -2.89 -4.90 11.12
C VAL A 172 -3.04 -5.92 12.24
N PRO A 173 -1.95 -6.48 12.75
CA PRO A 173 -2.06 -7.57 13.75
C PRO A 173 -2.99 -7.30 14.92
N PHE A 174 -2.91 -6.11 15.53
CA PHE A 174 -3.70 -5.88 16.73
C PHE A 174 -5.22 -5.86 16.49
N GLU A 175 -5.69 -5.71 15.24
CA GLU A 175 -7.14 -5.69 15.02
C GLU A 175 -7.82 -7.03 15.30
N ARG A 176 -7.08 -8.14 15.29
CA ARG A 176 -7.66 -9.48 15.55
C ARG A 176 -8.90 -9.72 14.69
N VAL A 177 -8.69 -9.69 13.38
CA VAL A 177 -9.74 -9.89 12.41
C VAL A 177 -10.24 -11.33 12.47
N ASP A 178 -11.55 -11.49 12.37
CA ASP A 178 -12.16 -12.79 12.09
C ASP A 178 -12.09 -13.06 10.60
N TRP A 179 -11.25 -14.01 10.20
CA TRP A 179 -11.03 -14.24 8.78
C TRP A 179 -12.05 -15.14 8.13
N ALA A 180 -13.05 -15.63 8.89
CA ALA A 180 -14.09 -16.50 8.36
C ALA A 180 -14.78 -15.94 7.13
N PRO A 181 -15.18 -14.66 7.08
CA PRO A 181 -15.84 -14.17 5.86
C PRO A 181 -14.94 -13.91 4.67
N PHE A 182 -13.62 -14.07 4.79
CA PHE A 182 -12.71 -13.67 3.72
C PHE A 182 -12.14 -14.90 3.03
N ASP A 183 -11.69 -14.70 1.79
CA ASP A 183 -11.03 -15.76 1.02
C ASP A 183 -9.53 -15.79 1.27
N ILE A 184 -8.93 -14.65 1.56
CA ILE A 184 -7.49 -14.52 1.73
C ILE A 184 -7.25 -13.75 3.00
N VAL A 185 -6.24 -14.17 3.78
CA VAL A 185 -5.80 -13.48 4.98
C VAL A 185 -4.76 -12.46 4.55
N SER A 186 -5.00 -11.16 4.78
CA SER A 186 -3.99 -10.18 4.41
C SER A 186 -3.59 -9.38 5.64
N MET A 187 -2.30 -9.09 5.73
CA MET A 187 -1.79 -8.37 6.88
C MET A 187 -0.69 -7.41 6.44
N ASP A 188 -0.63 -6.28 7.13
CA ASP A 188 0.41 -5.27 6.90
C ASP A 188 1.48 -5.43 7.96
N LEU A 189 2.70 -5.74 7.53
CA LEU A 189 3.72 -6.23 8.47
C LEU A 189 4.98 -5.42 8.24
N TYR A 190 5.29 -4.54 9.15
CA TYR A 190 6.56 -3.85 9.15
C TYR A 190 7.44 -4.52 10.20
N ARG A 191 8.65 -4.90 9.80
CA ARG A 191 9.62 -5.34 10.77
C ARG A 191 10.22 -4.12 11.44
N SER A 192 10.36 -4.16 12.76
CA SER A 192 10.96 -3.04 13.48
C SER A 192 11.99 -3.59 14.45
N ALA A 196 12.23 -7.59 15.57
CA ALA A 196 13.10 -7.99 14.48
C ALA A 196 13.50 -9.48 14.58
N ASP A 197 13.55 -9.99 15.81
CA ASP A 197 14.12 -11.31 16.06
C ASP A 197 13.16 -12.44 15.65
N ARG A 198 11.92 -12.39 16.12
CA ARG A 198 10.99 -13.51 15.93
C ARG A 198 10.21 -13.45 14.61
N PHE A 199 10.64 -12.61 13.66
CA PHE A 199 9.76 -12.18 12.57
C PHE A 199 9.29 -13.35 11.72
N THR A 200 10.23 -14.14 11.18
CA THR A 200 9.83 -15.22 10.29
C THR A 200 9.00 -16.29 10.99
N ASP A 201 9.20 -16.48 12.29
CA ASP A 201 8.32 -17.36 13.06
C ASP A 201 6.89 -16.84 13.06
N GLY A 202 6.71 -15.54 13.27
CA GLY A 202 5.39 -14.94 13.17
C GLY A 202 4.75 -15.12 11.80
N VAL A 203 5.53 -14.99 10.73
CA VAL A 203 4.98 -15.21 9.40
C VAL A 203 4.49 -16.64 9.25
N ARG A 204 5.28 -17.60 9.75
CA ARG A 204 4.86 -19.00 9.63
C ARG A 204 3.57 -19.28 10.38
N ASP A 205 3.43 -18.74 11.60
CA ASP A 205 2.18 -18.82 12.35
C ASP A 205 1.02 -18.25 11.56
N LEU A 206 1.25 -17.12 10.89
CA LEU A 206 0.18 -16.52 10.09
C LEU A 206 -0.21 -17.46 8.95
N VAL A 207 0.79 -18.01 8.25
CA VAL A 207 0.53 -18.92 7.14
C VAL A 207 -0.19 -20.18 7.63
N ALA A 208 0.11 -20.60 8.88
CA ALA A 208 -0.36 -21.90 9.35
C ALA A 208 -1.89 -22.00 9.48
N GLN A 209 -2.61 -20.87 9.61
CA GLN A 209 -4.05 -21.02 9.75
C GLN A 209 -4.69 -21.57 8.47
N GLY A 210 -3.98 -21.55 7.34
CA GLY A 210 -4.43 -22.32 6.20
C GLY A 210 -4.95 -21.57 4.98
N LYS A 211 -5.73 -20.51 5.17
CA LYS A 211 -6.06 -19.66 4.04
C LYS A 211 -4.81 -19.01 3.45
N PRO A 212 -4.78 -18.80 2.14
CA PRO A 212 -3.64 -18.10 1.52
C PRO A 212 -3.40 -16.79 2.26
N VAL A 213 -2.14 -16.43 2.44
CA VAL A 213 -1.75 -15.21 3.17
C VAL A 213 -1.07 -14.26 2.19
N ALA A 214 -1.48 -12.99 2.21
CA ALA A 214 -0.77 -11.94 1.47
C ALA A 214 -0.26 -10.91 2.46
N ILE A 215 0.97 -10.42 2.26
CA ILE A 215 1.44 -9.26 2.99
C ILE A 215 1.12 -8.04 2.12
N THR A 216 0.06 -7.33 2.48
CA THR A 216 -0.46 -6.29 1.60
C THR A 216 0.31 -4.97 1.69
N GLU A 217 1.11 -4.78 2.73
CA GLU A 217 1.87 -3.54 2.92
C GLU A 217 3.09 -3.84 3.77
N PHE A 218 4.27 -3.54 3.24
CA PHE A 218 5.54 -3.57 3.97
C PHE A 218 6.54 -2.76 3.16
N GLY A 219 7.47 -2.10 3.84
CA GLY A 219 8.44 -1.31 3.11
C GLY A 219 9.16 -0.39 4.07
N ALA A 220 10.04 0.46 3.50
CA ALA A 220 10.83 1.38 4.30
C ALA A 220 11.02 2.68 3.52
N ALA A 221 11.21 3.75 4.27
CA ALA A 221 11.58 5.03 3.64
C ALA A 221 13.08 5.05 3.33
N GLY A 222 13.57 6.15 2.80
CA GLY A 222 14.90 6.09 2.23
C GLY A 222 15.94 6.95 2.93
N TYR A 223 15.70 7.31 4.17
CA TYR A 223 16.72 8.04 4.93
C TYR A 223 17.45 7.13 5.93
N GLN A 224 18.61 7.60 6.40
CA GLN A 224 19.45 6.78 7.26
C GLN A 224 18.72 6.47 8.57
N GLY A 225 18.59 5.19 8.89
CA GLY A 225 17.87 4.78 10.07
C GLY A 225 16.39 4.50 9.85
N ALA A 226 15.87 4.72 8.64
CA ALA A 226 14.41 4.66 8.47
C ALA A 226 13.88 3.24 8.68
N GLY A 227 14.65 2.24 8.26
CA GLY A 227 14.18 0.86 8.39
C GLY A 227 13.89 0.46 9.82
N ASP A 228 14.68 0.98 10.77
CA ASP A 228 14.40 0.78 12.19
C ASP A 228 12.99 1.22 12.56
N ARG A 229 12.58 2.41 12.10
CA ARG A 229 11.30 3.06 12.41
C ARG A 229 10.11 2.40 11.74
N GLY A 230 10.31 1.30 11.01
CA GLY A 230 9.25 0.55 10.36
C GLY A 230 8.18 1.35 9.64
N ALA A 231 6.96 1.32 10.19
CA ALA A 231 5.84 2.01 9.56
C ALA A 231 5.73 3.47 9.96
N LEU A 232 6.59 3.94 10.88
CA LEU A 232 6.51 5.30 11.42
C LEU A 232 7.47 6.27 10.73
N ALA A 233 7.99 5.91 9.54
CA ALA A 233 9.08 6.72 8.98
C ALA A 233 8.59 8.08 8.51
N LEU A 234 7.28 8.22 8.23
CA LEU A 234 6.71 9.50 7.81
C LEU A 234 6.65 10.52 8.96
N GLU A 235 7.11 10.15 10.17
CA GLU A 235 7.10 11.07 11.30
C GLU A 235 8.09 12.21 11.15
N ILE A 236 9.03 12.15 10.21
CA ILE A 236 9.94 13.27 9.97
C ILE A 236 9.32 14.33 9.04
N VAL A 237 8.06 14.18 8.64
CA VAL A 237 7.47 15.07 7.63
C VAL A 237 6.51 16.06 8.29
N GLU A 238 6.66 17.34 7.94
CA GLU A 238 5.68 18.36 8.30
C GLU A 238 4.64 18.45 7.17
N TYR A 239 3.38 18.18 7.50
CA TYR A 239 2.32 18.14 6.50
C TYR A 239 1.54 19.45 6.53
N GLY A 240 1.00 19.83 5.39
CA GLY A 240 0.20 21.05 5.35
C GLY A 240 -1.23 20.81 4.88
N LYS A 241 -1.84 21.86 4.35
CA LYS A 241 -3.20 21.83 3.87
C LYS A 241 -3.42 20.68 2.87
N ASP A 242 -2.44 20.44 2.00
CA ASP A 242 -2.59 19.62 0.80
C ASP A 242 -1.73 18.39 0.78
N GLY A 243 -0.72 18.28 1.64
CA GLY A 243 0.23 17.20 1.52
C GLY A 243 1.52 17.54 2.25
N PRO A 244 2.59 16.81 1.97
CA PRO A 244 3.87 17.07 2.68
C PRO A 244 4.44 18.42 2.28
N VAL A 245 4.99 19.15 3.25
CA VAL A 245 5.55 20.48 3.00
C VAL A 245 7.08 20.48 3.14
N ARG A 246 7.59 19.90 4.22
CA ARG A 246 9.04 19.85 4.39
C ARG A 246 9.37 18.76 5.40
N LEU A 247 10.65 18.42 5.51
CA LEU A 247 11.09 17.49 6.54
C LEU A 247 11.50 18.27 7.79
N LYS A 248 11.32 17.64 8.96
CA LYS A 248 11.57 18.31 10.24
C LYS A 248 13.07 18.52 10.50
N GLY A 249 13.93 17.63 10.01
CA GLY A 249 15.36 17.74 10.23
C GLY A 249 16.14 17.41 8.97
N ASP A 250 17.47 17.40 9.13
CA ASP A 250 18.40 17.11 8.04
C ASP A 250 18.78 15.64 8.14
N HIS A 251 18.42 14.85 7.12
CA HIS A 251 18.66 13.41 7.14
C HIS A 251 19.49 13.00 5.94
N ALA A 252 20.40 12.06 6.16
CA ALA A 252 21.13 11.52 5.02
C ALA A 252 20.28 10.50 4.26
N ARG A 253 20.46 10.47 2.94
CA ARG A 253 19.89 9.44 2.08
C ARG A 253 20.56 8.08 2.30
N ASP A 254 19.75 7.01 2.33
CA ASP A 254 20.24 5.65 2.45
C ASP A 254 19.41 4.75 1.55
N GLU A 255 19.61 4.88 0.24
CA GLU A 255 18.93 3.98 -0.67
C GLU A 255 19.36 2.51 -0.50
N PRO A 256 20.63 2.19 -0.25
CA PRO A 256 20.93 0.77 0.02
C PRO A 256 20.16 0.22 1.21
N GLY A 257 19.96 1.01 2.27
CA GLY A 257 19.26 0.52 3.46
C GLY A 257 17.79 0.25 3.19
N GLN A 258 17.17 1.12 2.37
CA GLN A 258 15.80 0.89 1.91
C GLN A 258 15.72 -0.41 1.13
N ALA A 259 16.63 -0.59 0.16
CA ALA A 259 16.65 -1.81 -0.63
C ALA A 259 16.88 -3.05 0.23
N ALA A 260 17.78 -2.97 1.20
CA ALA A 260 18.09 -4.15 2.00
C ALA A 260 16.91 -4.54 2.89
N TYR A 261 16.21 -3.53 3.43
CA TYR A 261 15.00 -3.80 4.22
C TYR A 261 13.96 -4.56 3.39
N VAL A 262 13.64 -4.05 2.19
CA VAL A 262 12.64 -4.73 1.34
C VAL A 262 13.08 -6.16 1.04
N ARG A 263 14.36 -6.36 0.76
CA ARG A 263 14.80 -7.69 0.35
C ARG A 263 14.76 -8.66 1.53
N GLU A 264 15.16 -8.20 2.71
CA GLU A 264 15.12 -9.08 3.88
C GLU A 264 13.70 -9.48 4.23
N LEU A 265 12.74 -8.56 4.08
CA LEU A 265 11.37 -8.93 4.43
C LEU A 265 10.83 -9.90 3.41
N LEU A 266 11.08 -9.64 2.11
CA LEU A 266 10.72 -10.60 1.08
C LEU A 266 11.30 -11.97 1.35
N GLU A 267 12.56 -12.01 1.84
CA GLU A 267 13.14 -13.32 2.17
C GLU A 267 12.37 -13.99 3.30
N ALA A 268 11.94 -13.22 4.30
CA ALA A 268 11.22 -13.79 5.43
C ALA A 268 9.83 -14.27 5.02
N PHE A 269 9.21 -13.58 4.06
CA PHE A 269 7.89 -13.98 3.59
C PHE A 269 7.95 -15.22 2.73
N ASP A 270 8.92 -15.26 1.80
CA ASP A 270 9.20 -16.51 1.07
C ASP A 270 9.47 -17.67 2.02
N ALA A 271 10.35 -17.46 3.01
CA ALA A 271 10.69 -18.54 3.94
C ALA A 271 9.45 -19.00 4.72
N GLY A 272 8.61 -18.05 5.15
CA GLY A 272 7.41 -18.36 5.90
C GLY A 272 6.28 -18.94 5.10
N GLY A 273 6.35 -18.88 3.77
CA GLY A 273 5.34 -19.53 2.95
C GLY A 273 4.17 -18.66 2.51
N VAL A 274 4.35 -17.34 2.44
CA VAL A 274 3.17 -16.53 2.08
C VAL A 274 2.81 -16.79 0.62
N ASP A 275 1.54 -16.54 0.30
CA ASP A 275 1.05 -16.63 -1.06
C ASP A 275 1.36 -15.39 -1.89
N GLY A 276 1.41 -14.22 -1.26
CA GLY A 276 1.62 -12.97 -2.00
C GLY A 276 2.26 -11.93 -1.10
N ALA A 277 2.92 -10.97 -1.73
CA ALA A 277 3.51 -9.87 -1.01
C ALA A 277 3.43 -8.65 -1.93
N PHE A 278 3.13 -7.49 -1.34
CA PHE A 278 2.97 -6.23 -2.10
C PHE A 278 3.86 -5.17 -1.45
N VAL A 279 5.02 -4.91 -2.07
CA VAL A 279 5.92 -3.88 -1.57
C VAL A 279 5.19 -2.55 -1.53
N PHE A 280 5.30 -1.85 -0.39
CA PHE A 280 4.81 -0.49 -0.24
C PHE A 280 6.04 0.43 -0.38
N THR A 281 6.19 1.11 -1.53
CA THR A 281 5.19 1.17 -2.58
C THR A 281 5.92 1.56 -3.87
N PHE A 282 5.23 1.59 -5.01
CA PHE A 282 5.88 2.03 -6.24
C PHE A 282 6.39 3.47 -6.12
N ALA A 283 5.48 4.43 -5.84
CA ALA A 283 5.84 5.85 -5.76
C ALA A 283 4.90 6.56 -4.81
N LEU A 284 5.41 7.58 -4.13
CA LEU A 284 4.55 8.54 -3.42
C LEU A 284 4.77 9.87 -4.15
N TYR A 285 3.82 10.20 -5.03
CA TYR A 285 4.12 11.19 -6.06
C TYR A 285 4.25 12.61 -5.53
N ASP A 286 3.69 12.92 -4.36
CA ASP A 286 3.80 14.28 -3.90
C ASP A 286 4.98 14.42 -2.94
N HIS A 287 5.70 13.32 -2.64
CA HIS A 287 6.91 13.39 -1.82
C HIS A 287 8.12 13.59 -2.75
N VAL A 288 8.22 14.82 -3.28
CA VAL A 288 9.06 15.03 -4.45
C VAL A 288 10.55 15.00 -4.07
N HIS A 289 11.35 14.54 -5.02
CA HIS A 289 12.80 14.42 -4.87
C HIS A 289 13.44 15.73 -5.33
N ARG A 290 14.17 16.37 -4.42
CA ARG A 290 14.90 17.62 -4.70
C ARG A 290 16.36 17.40 -4.31
N PRO A 291 17.12 16.73 -5.18
CA PRO A 291 18.46 16.27 -4.77
C PRO A 291 19.48 17.39 -4.65
N ASP A 292 19.27 18.51 -5.34
CA ASP A 292 20.22 19.61 -5.49
C ASP A 292 19.80 20.81 -4.64
N GLY A 293 19.30 20.58 -3.44
CA GLY A 293 18.88 21.68 -2.59
C GLY A 293 19.01 21.25 -1.15
N ASP A 294 18.39 22.00 -0.26
CA ASP A 294 18.46 21.69 1.17
C ASP A 294 17.81 20.32 1.46
N PRO A 295 18.46 19.44 2.23
CA PRO A 295 17.85 18.12 2.50
C PRO A 295 16.48 18.18 3.13
N ARG A 296 16.17 19.23 3.91
CA ARG A 296 14.85 19.35 4.51
C ARG A 296 13.76 19.51 3.46
N ASP A 297 14.12 19.87 2.23
CA ASP A 297 13.17 20.03 1.13
C ASP A 297 13.15 18.82 0.22
N ASP A 298 13.97 17.80 0.52
CA ASP A 298 14.02 16.60 -0.30
C ASP A 298 13.00 15.63 0.29
N LEU A 299 11.72 15.92 0.02
CA LEU A 299 10.63 15.11 0.59
C LEU A 299 10.77 13.63 0.27
N ASP A 300 11.38 13.29 -0.87
CA ASP A 300 11.60 11.89 -1.23
C ASP A 300 12.35 11.09 -0.18
N LEU A 301 13.15 11.72 0.68
CA LEU A 301 13.85 10.97 1.72
C LEU A 301 12.86 10.16 2.57
N ALA A 302 11.68 10.73 2.82
CA ALA A 302 10.68 10.07 3.65
C ALA A 302 9.77 9.15 2.84
N SER A 303 9.91 9.12 1.52
CA SER A 303 9.01 8.32 0.71
C SER A 303 9.30 6.83 0.86
N TYR A 304 8.23 6.02 0.94
CA TYR A 304 8.30 4.57 0.84
C TYR A 304 8.39 4.12 -0.60
N GLY A 305 8.22 5.04 -1.54
CA GLY A 305 8.31 4.68 -2.94
C GLY A 305 9.70 4.16 -3.26
N ILE A 306 9.74 3.20 -4.20
CA ILE A 306 11.01 2.68 -4.69
C ILE A 306 11.49 3.41 -5.94
N VAL A 307 10.71 4.38 -6.44
CA VAL A 307 11.22 5.37 -7.41
C VAL A 307 11.20 6.73 -6.71
N LYS A 308 12.01 7.67 -7.23
CA LYS A 308 12.07 9.02 -6.67
C LYS A 308 11.46 9.93 -7.71
N VAL A 309 10.42 10.71 -7.33
CA VAL A 309 9.61 11.45 -8.30
C VAL A 309 10.08 12.90 -8.32
N TYR A 310 10.37 13.44 -9.50
CA TYR A 310 10.77 14.84 -9.66
C TYR A 310 9.58 15.76 -9.89
N GLU A 311 9.73 17.02 -9.48
CA GLU A 311 8.66 17.96 -9.80
C GLU A 311 8.93 18.70 -11.10
N ASP A 312 10.16 18.67 -11.61
CA ASP A 312 10.49 19.59 -12.70
C ASP A 312 11.39 18.96 -13.77
N ARG A 313 11.56 17.63 -13.80
CA ARG A 313 12.45 17.00 -14.77
C ARG A 313 12.05 15.57 -15.04
N LEU A 314 12.54 15.02 -16.14
CA LEU A 314 12.34 13.62 -16.48
C LEU A 314 13.58 12.83 -16.08
N GLY A 315 13.40 11.53 -15.91
CA GLY A 315 14.48 10.69 -15.44
C GLY A 315 15.41 10.22 -16.57
N ALA A 316 16.52 9.60 -16.18
CA ALA A 316 17.50 9.15 -17.16
C ALA A 316 17.27 7.72 -17.62
N THR A 317 16.83 6.84 -16.70
CA THR A 317 16.64 5.44 -17.05
C THR A 317 15.41 5.24 -17.94
N TYR A 318 14.32 5.94 -17.62
CA TYR A 318 13.06 5.87 -18.36
C TYR A 318 12.83 7.32 -18.76
N PRO A 319 13.25 7.70 -19.96
CA PRO A 319 13.47 9.13 -20.24
C PRO A 319 12.19 9.90 -20.46
N ASP A 320 11.06 9.19 -20.55
CA ASP A 320 9.76 9.82 -20.61
C ASP A 320 9.05 9.86 -19.26
N MET A 321 9.71 9.41 -18.16
CA MET A 321 9.04 9.27 -16.88
C MET A 321 9.52 10.34 -15.93
N PRO A 322 8.63 10.88 -15.11
CA PRO A 322 9.02 11.96 -14.18
C PRO A 322 9.66 11.42 -12.91
N TRP A 323 10.38 10.30 -12.98
CA TRP A 323 10.94 9.67 -11.79
C TRP A 323 12.13 8.84 -12.19
N GLU A 324 12.86 8.38 -11.18
CA GLU A 324 14.06 7.57 -11.40
C GLU A 324 14.04 6.41 -10.41
N PRO A 325 14.47 5.21 -10.82
CA PRO A 325 14.54 4.11 -9.86
C PRO A 325 15.49 4.44 -8.72
N LYS A 326 15.13 3.97 -7.53
CA LYS A 326 16.08 3.94 -6.42
C LYS A 326 16.71 2.55 -6.34
N ALA A 327 17.71 2.41 -5.47
CA ALA A 327 18.34 1.10 -5.29
C ALA A 327 17.30 0.00 -5.05
N ALA A 328 16.21 0.32 -4.31
CA ALA A 328 15.25 -0.74 -3.97
C ALA A 328 14.55 -1.26 -5.22
N PHE A 329 14.43 -0.41 -6.25
CA PHE A 329 13.89 -0.86 -7.53
C PHE A 329 14.74 -1.97 -8.16
N THR A 330 16.07 -1.77 -8.21
CA THR A 330 16.96 -2.82 -8.69
C THR A 330 16.80 -4.10 -7.89
N THR A 331 16.77 -3.96 -6.57
CA THR A 331 16.69 -5.12 -5.68
C THR A 331 15.38 -5.89 -5.88
N LEU A 332 14.26 -5.17 -5.97
CA LEU A 332 12.99 -5.86 -6.18
C LEU A 332 12.99 -6.59 -7.53
N ALA A 333 13.47 -5.90 -8.58
CA ALA A 333 13.54 -6.52 -9.89
C ALA A 333 14.33 -7.82 -9.85
N GLU A 334 15.49 -7.80 -9.19
CA GLU A 334 16.30 -9.02 -9.11
C GLU A 334 15.59 -10.08 -8.30
N TYR A 335 14.96 -9.69 -7.18
CA TYR A 335 14.29 -10.67 -6.34
C TYR A 335 13.14 -11.35 -7.09
N TYR A 336 12.32 -10.58 -7.79
CA TYR A 336 11.16 -11.13 -8.50
C TYR A 336 11.51 -11.83 -9.82
N ARG A 337 12.66 -11.48 -10.41
CA ARG A 337 13.09 -12.13 -11.66
C ARG A 337 13.35 -13.61 -11.44
N GLY A 338 14.00 -13.94 -10.32
CA GLY A 338 14.42 -15.30 -10.03
C GLY A 338 15.88 -15.26 -9.63
#